data_7TRO
#
_entry.id   7TRO
#
_cell.length_a   53.970
_cell.length_b   66.160
_cell.length_c   70.550
_cell.angle_alpha   90.000
_cell.angle_beta   90.000
_cell.angle_gamma   90.000
#
_symmetry.space_group_name_H-M   'P 21 21 21'
#
loop_
_entity.id
_entity.type
_entity.pdbx_description
1 polymer Galectin-7
2 branched beta-D-galactopyranose-(1-4)-beta-D-glucopyranose
3 non-polymer 1,2-ETHANEDIOL
4 non-polymer 2-AMINO-2-HYDROXYMETHYL-PROPANE-1,3-DIOL
5 water water
#
_entity_poly.entity_id   1
_entity_poly.type   'polypeptide(L)'
_entity_poly.pdbx_seq_one_letter_code
;SNVPHKSSLPEGIAPGTVLAIRGLVPPNASRFHVNLLCGEEQGSDAALHFNPRLDTSEVVFNSKEQGSWGREERGPGVPF
QRGQPFEVLIIASDDGFKAVVGDAQYHHFRHRLPLARVRLVEVGGDVQLDSVRIF
;
_entity_poly.pdbx_strand_id   A,B
#
# COMPACT_ATOMS: atom_id res chain seq x y z
N SER A 1 -11.41 -10.36 19.54
CA SER A 1 -11.77 -9.69 18.24
C SER A 1 -10.83 -8.49 17.98
N ASN A 2 -10.01 -8.09 18.95
CA ASN A 2 -8.97 -7.02 18.75
C ASN A 2 -9.65 -5.66 18.50
N VAL A 3 -10.94 -5.46 18.82
CA VAL A 3 -11.61 -4.12 18.71
C VAL A 3 -12.13 -3.72 20.11
N PRO A 4 -12.13 -2.42 20.53
CA PRO A 4 -11.65 -1.28 19.70
C PRO A 4 -10.12 -1.30 19.53
N HIS A 5 -9.61 -0.96 18.33
CA HIS A 5 -8.20 -1.00 18.02
C HIS A 5 -7.66 0.41 17.80
N LYS A 6 -6.49 0.70 18.37
CA LYS A 6 -5.87 2.01 18.18
C LYS A 6 -4.41 1.88 17.80
N SER A 7 -3.99 2.67 16.80
CA SER A 7 -2.60 2.79 16.37
C SER A 7 -2.20 4.26 16.46
N SER A 8 -1.39 4.61 17.46
CA SER A 8 -0.96 6.00 17.62
C SER A 8 0.12 6.36 16.62
N LEU A 9 0.02 7.55 16.10
CA LEU A 9 0.98 8.08 15.13
C LEU A 9 1.31 9.49 15.59
N PRO A 10 2.00 9.63 16.72
CA PRO A 10 2.23 10.98 17.26
C PRO A 10 2.96 11.88 16.31
N GLU A 11 3.88 11.32 15.51
CA GLU A 11 4.66 12.09 14.55
C GLU A 11 3.94 12.29 13.22
N GLY A 12 2.78 11.67 13.01
CA GLY A 12 1.98 11.91 11.84
C GLY A 12 2.28 10.97 10.69
N ILE A 13 1.56 11.21 9.58
CA ILE A 13 1.68 10.45 8.35
C ILE A 13 1.78 11.44 7.20
N ALA A 14 2.22 10.94 6.05
CA ALA A 14 2.56 11.77 4.91
C ALA A 14 2.20 11.00 3.66
N PRO A 15 2.23 11.64 2.48
CA PRO A 15 2.01 10.89 1.25
C PRO A 15 2.97 9.73 1.10
N GLY A 16 2.40 8.57 0.75
CA GLY A 16 3.10 7.31 0.77
C GLY A 16 2.85 6.47 2.00
N THR A 17 2.06 6.95 2.94
CA THR A 17 1.68 6.13 4.09
C THR A 17 0.55 5.18 3.69
N VAL A 18 0.68 3.91 4.08
CA VAL A 18 -0.27 2.88 3.72
C VAL A 18 -0.78 2.25 5.01
N LEU A 19 -2.09 2.29 5.21
CA LEU A 19 -2.75 1.61 6.32
C LEU A 19 -3.39 0.35 5.76
N ALA A 20 -2.90 -0.79 6.22
CA ALA A 20 -3.35 -2.09 5.74
C ALA A 20 -4.14 -2.78 6.86
N ILE A 21 -5.43 -3.02 6.62
CA ILE A 21 -6.35 -3.58 7.65
C ILE A 21 -6.95 -4.88 7.10
N ARG A 22 -6.66 -6.03 7.68
CA ARG A 22 -7.25 -7.33 7.27
C ARG A 22 -8.20 -7.73 8.40
N GLY A 23 -9.26 -8.44 8.08
CA GLY A 23 -10.17 -8.92 9.11
C GLY A 23 -11.33 -9.72 8.56
N LEU A 24 -12.22 -10.17 9.41
CA LEU A 24 -13.43 -10.87 9.05
C LEU A 24 -14.65 -10.01 9.40
N VAL A 25 -15.58 -9.88 8.47
CA VAL A 25 -16.92 -9.36 8.78
C VAL A 25 -17.73 -10.52 9.35
N PRO A 26 -18.12 -10.49 10.62
CA PRO A 26 -18.74 -11.66 11.21
C PRO A 26 -20.19 -11.79 10.80
N PRO A 27 -20.81 -12.95 11.07
CA PRO A 27 -22.10 -13.27 10.44
C PRO A 27 -23.19 -12.25 10.64
N ASN A 28 -23.27 -11.63 11.79
CA ASN A 28 -24.40 -10.73 12.04
C ASN A 28 -23.97 -9.28 12.10
N ALA A 29 -22.86 -8.94 11.44
CA ALA A 29 -22.35 -7.58 11.48
C ALA A 29 -23.36 -6.58 10.95
N SER A 30 -23.44 -5.40 11.58
CA SER A 30 -24.20 -4.28 11.03
C SER A 30 -23.33 -3.28 10.28
N ARG A 31 -22.23 -2.86 10.88
CA ARG A 31 -21.36 -1.85 10.28
C ARG A 31 -20.07 -1.79 11.09
N PHE A 32 -19.01 -1.32 10.47
CA PHE A 32 -17.79 -1.05 11.20
C PHE A 32 -17.19 0.25 10.67
N HIS A 33 -16.06 0.66 11.25
CA HIS A 33 -15.45 1.94 10.91
C HIS A 33 -13.94 1.90 11.05
N VAL A 34 -13.29 2.68 10.20
CA VAL A 34 -11.87 3.01 10.30
C VAL A 34 -11.79 4.52 10.33
N ASN A 35 -11.27 5.08 11.43
CA ASN A 35 -11.13 6.52 11.58
C ASN A 35 -9.66 6.94 11.62
N LEU A 36 -9.33 8.03 10.90
CA LEU A 36 -8.04 8.70 10.99
C LEU A 36 -8.31 9.98 11.76
N LEU A 37 -7.86 10.04 13.01
CA LEU A 37 -8.17 11.12 13.93
C LEU A 37 -6.94 11.99 14.16
N CYS A 38 -7.19 13.18 14.68
CA CYS A 38 -6.16 14.22 14.80
C CYS A 38 -5.55 14.31 16.20
N GLY A 39 -5.85 13.37 17.07
CA GLY A 39 -5.35 13.39 18.44
C GLY A 39 -5.93 12.22 19.20
N GLU A 40 -5.41 12.01 20.42
CA GLU A 40 -5.85 10.89 21.26
C GLU A 40 -7.08 11.21 22.08
N GLU A 41 -7.39 12.49 22.29
CA GLU A 41 -8.50 12.83 23.17
C GLU A 41 -9.85 12.57 22.50
N GLN A 42 -10.88 12.42 23.34
CA GLN A 42 -12.20 12.13 22.83
C GLN A 42 -12.78 13.33 22.12
N GLY A 43 -13.46 13.05 21.00
CA GLY A 43 -13.98 14.10 20.13
C GLY A 43 -12.98 14.69 19.17
N SER A 44 -11.75 14.15 19.11
CA SER A 44 -10.75 14.64 18.17
C SER A 44 -11.32 14.70 16.76
N ASP A 45 -10.88 15.67 15.97
CA ASP A 45 -11.37 15.75 14.59
C ASP A 45 -11.04 14.45 13.82
N ALA A 46 -11.89 14.13 12.85
CA ALA A 46 -11.68 13.00 11.94
C ALA A 46 -11.36 13.51 10.54
N ALA A 47 -10.11 13.30 10.12
CA ALA A 47 -9.73 13.54 8.73
C ALA A 47 -10.45 12.57 7.79
N LEU A 48 -10.66 11.34 8.24
CA LEU A 48 -11.40 10.35 7.47
C LEU A 48 -12.16 9.42 8.40
N HIS A 49 -13.43 9.20 8.08
CA HIS A 49 -14.30 8.25 8.71
C HIS A 49 -14.77 7.36 7.56
N PHE A 50 -14.35 6.08 7.59
CA PHE A 50 -14.63 5.10 6.54
C PHE A 50 -15.58 4.09 7.16
N ASN A 51 -16.82 4.02 6.66
CA ASN A 51 -17.91 3.36 7.38
C ASN A 51 -18.67 2.38 6.50
N PRO A 52 -18.13 1.17 6.31
CA PRO A 52 -18.88 0.09 5.63
C PRO A 52 -20.10 -0.29 6.44
N ARG A 53 -21.27 -0.21 5.81
CA ARG A 53 -22.57 -0.54 6.42
C ARG A 53 -23.15 -1.79 5.75
N LEU A 54 -23.03 -2.93 6.42
CA LEU A 54 -23.59 -4.16 5.91
C LEU A 54 -25.09 -4.14 6.00
N ASP A 55 -25.64 -3.45 7.01
CA ASP A 55 -27.08 -3.52 7.22
C ASP A 55 -27.85 -2.70 6.17
N THR A 56 -27.26 -1.62 5.64
CA THR A 56 -27.86 -0.82 4.57
C THR A 56 -27.16 -0.95 3.25
N SER A 57 -26.14 -1.80 3.15
CA SER A 57 -25.44 -2.12 1.92
C SER A 57 -24.81 -0.90 1.26
N GLU A 58 -24.12 -0.08 2.06
CA GLU A 58 -23.43 1.08 1.53
C GLU A 58 -22.12 1.28 2.26
N VAL A 59 -21.21 2.06 1.68
CA VAL A 59 -20.02 2.52 2.41
C VAL A 59 -20.04 4.03 2.43
N VAL A 60 -20.05 4.62 3.65
CA VAL A 60 -20.02 6.07 3.83
C VAL A 60 -18.63 6.54 4.18
N PHE A 61 -18.24 7.66 3.58
CA PHE A 61 -17.00 8.37 3.88
C PHE A 61 -17.37 9.75 4.42
N ASN A 62 -16.69 10.20 5.49
CA ASN A 62 -16.95 11.56 5.94
C ASN A 62 -15.77 12.07 6.75
N SER A 63 -15.90 13.33 7.18
CA SER A 63 -14.94 13.97 8.05
C SER A 63 -15.70 14.63 9.21
N LYS A 64 -14.96 15.04 10.23
CA LYS A 64 -15.54 15.70 11.40
C LYS A 64 -14.55 16.74 11.93
N GLU A 65 -15.01 17.97 12.08
CA GLU A 65 -14.19 19.06 12.62
C GLU A 65 -14.97 19.78 13.68
N GLN A 66 -14.36 19.95 14.85
CA GLN A 66 -15.00 20.67 15.94
C GLN A 66 -16.37 20.09 16.25
N GLY A 67 -16.45 18.76 16.27
CA GLY A 67 -17.66 18.06 16.65
C GLY A 67 -18.67 17.91 15.53
N SER A 68 -18.50 18.63 14.41
CA SER A 68 -19.48 18.69 13.32
C SER A 68 -19.06 17.80 12.16
N TRP A 69 -19.97 16.95 11.71
CA TRP A 69 -19.71 16.11 10.54
C TRP A 69 -19.84 16.93 9.25
N GLY A 70 -19.02 16.59 8.24
CA GLY A 70 -19.19 17.10 6.89
C GLY A 70 -20.30 16.38 6.13
N ARG A 71 -20.35 16.65 4.83
CA ARG A 71 -21.28 15.98 3.94
C ARG A 71 -20.74 14.61 3.59
N GLU A 72 -21.59 13.58 3.72
CA GLU A 72 -21.21 12.22 3.41
C GLU A 72 -20.94 12.03 1.92
N GLU A 73 -19.94 11.21 1.61
CA GLU A 73 -19.71 10.66 0.29
C GLU A 73 -19.97 9.17 0.37
N ARG A 74 -20.33 8.57 -0.76
CA ARG A 74 -20.61 7.14 -0.81
C ARG A 74 -19.80 6.51 -1.93
N GLY A 75 -19.19 5.35 -1.63
CA GLY A 75 -18.54 4.56 -2.64
C GLY A 75 -19.56 3.81 -3.49
N PRO A 76 -19.06 3.09 -4.54
CA PRO A 76 -19.98 2.30 -5.39
C PRO A 76 -20.34 0.92 -4.85
N GLY A 77 -21.34 0.84 -3.97
CA GLY A 77 -21.80 -0.42 -3.41
C GLY A 77 -20.93 -0.86 -2.25
N VAL A 78 -21.34 -1.93 -1.56
CA VAL A 78 -20.62 -2.43 -0.39
C VAL A 78 -19.71 -3.58 -0.85
N PRO A 79 -18.38 -3.43 -0.78
CA PRO A 79 -17.48 -4.50 -1.20
C PRO A 79 -17.04 -5.38 -0.06
N PHE A 80 -17.95 -5.57 0.88
CA PHE A 80 -17.80 -6.43 2.03
C PHE A 80 -19.05 -7.27 2.17
N GLN A 81 -18.88 -8.47 2.73
CA GLN A 81 -19.98 -9.40 2.98
C GLN A 81 -19.87 -10.03 4.36
N ARG A 82 -21.01 -10.11 5.05
CA ARG A 82 -21.05 -10.90 6.29
C ARG A 82 -20.56 -12.31 6.02
N GLY A 83 -19.71 -12.82 6.92
CA GLY A 83 -19.15 -14.14 6.74
C GLY A 83 -17.93 -14.21 5.85
N GLN A 84 -17.41 -13.07 5.42
CA GLN A 84 -16.30 -13.07 4.48
C GLN A 84 -15.15 -12.21 4.99
N PRO A 85 -13.93 -12.73 4.84
CA PRO A 85 -12.72 -11.93 5.09
C PRO A 85 -12.48 -10.84 4.08
N PHE A 86 -11.67 -9.85 4.47
CA PHE A 86 -11.40 -8.71 3.62
C PHE A 86 -9.97 -8.21 3.85
N GLU A 87 -9.45 -7.52 2.83
CA GLU A 87 -8.21 -6.77 2.92
C GLU A 87 -8.44 -5.35 2.39
N VAL A 88 -8.15 -4.36 3.23
CA VAL A 88 -8.32 -2.95 2.89
C VAL A 88 -6.96 -2.28 2.94
N LEU A 89 -6.69 -1.44 1.94
CA LEU A 89 -5.63 -0.45 2.04
C LEU A 89 -6.25 0.93 2.03
N ILE A 90 -5.79 1.78 2.94
CA ILE A 90 -6.11 3.20 2.92
C ILE A 90 -4.78 3.89 2.69
N ILE A 91 -4.65 4.52 1.54
CA ILE A 91 -3.37 5.01 1.05
C ILE A 91 -3.44 6.51 0.99
N ALA A 92 -2.48 7.16 1.62
CA ALA A 92 -2.42 8.63 1.58
C ALA A 92 -1.55 9.14 0.44
N SER A 93 -2.08 10.16 -0.24
CA SER A 93 -1.38 10.89 -1.29
C SER A 93 -1.46 12.37 -0.96
N ASP A 94 -0.83 13.19 -1.81
CA ASP A 94 -0.94 14.64 -1.66
C ASP A 94 -2.39 15.09 -1.80
N ASP A 95 -3.19 14.37 -2.58
CA ASP A 95 -4.55 14.79 -2.93
C ASP A 95 -5.63 14.25 -2.00
N GLY A 96 -5.43 13.08 -1.40
CA GLY A 96 -6.50 12.45 -0.68
C GLY A 96 -6.10 11.08 -0.18
N PHE A 97 -7.11 10.32 0.21
CA PHE A 97 -6.97 8.94 0.65
C PHE A 97 -7.57 8.05 -0.42
N LYS A 98 -6.79 7.08 -0.91
CA LYS A 98 -7.31 6.05 -1.78
C LYS A 98 -7.73 4.84 -0.95
N ALA A 99 -8.97 4.41 -1.11
CA ALA A 99 -9.45 3.21 -0.47
C ALA A 99 -9.44 2.07 -1.46
N VAL A 100 -8.68 1.03 -1.13
CA VAL A 100 -8.53 -0.18 -1.94
C VAL A 100 -9.14 -1.36 -1.18
N VAL A 101 -10.03 -2.11 -1.84
CA VAL A 101 -10.63 -3.28 -1.20
C VAL A 101 -10.40 -4.46 -2.12
N GLY A 102 -9.91 -5.56 -1.55
CA GLY A 102 -9.61 -6.77 -2.29
C GLY A 102 -9.01 -6.55 -3.66
N ASP A 103 -7.85 -5.92 -3.72
CA ASP A 103 -7.09 -5.83 -4.98
C ASP A 103 -7.72 -4.91 -6.00
N ALA A 104 -8.75 -4.12 -5.68
CA ALA A 104 -9.22 -3.09 -6.58
C ALA A 104 -9.48 -1.77 -5.88
N GLN A 105 -9.05 -0.70 -6.53
CA GLN A 105 -9.40 0.66 -6.15
C GLN A 105 -10.90 0.81 -6.01
N TYR A 106 -11.34 1.25 -4.83
CA TYR A 106 -12.76 1.36 -4.53
C TYR A 106 -13.25 2.81 -4.47
N HIS A 107 -12.52 3.73 -3.84
CA HIS A 107 -12.96 5.12 -3.75
C HIS A 107 -11.76 6.03 -3.46
N HIS A 108 -11.84 7.26 -3.95
CA HIS A 108 -10.89 8.31 -3.61
C HIS A 108 -11.59 9.42 -2.82
N PHE A 109 -11.09 9.67 -1.62
CA PHE A 109 -11.66 10.66 -0.71
C PHE A 109 -10.66 11.82 -0.65
N ARG A 110 -11.05 12.95 -1.22
CA ARG A 110 -10.18 14.11 -1.24
C ARG A 110 -9.99 14.69 0.17
N HIS A 111 -8.78 15.12 0.46
CA HIS A 111 -8.48 15.69 1.77
C HIS A 111 -9.41 16.85 2.07
N ARG A 112 -9.98 16.87 3.27
CA ARG A 112 -10.77 17.99 3.75
C ARG A 112 -10.10 18.71 4.89
N LEU A 113 -9.45 17.99 5.75
CA LEU A 113 -8.56 18.46 6.80
C LEU A 113 -7.14 18.22 6.32
N PRO A 114 -6.13 18.99 6.76
CA PRO A 114 -4.76 18.71 6.29
C PRO A 114 -4.25 17.33 6.75
N LEU A 115 -3.62 16.60 5.82
CA LEU A 115 -3.08 15.29 6.17
C LEU A 115 -2.12 15.34 7.35
N ALA A 116 -1.41 16.46 7.50
CA ALA A 116 -0.41 16.61 8.56
C ALA A 116 -0.99 16.61 9.96
N ARG A 117 -2.32 16.76 10.11
CA ARG A 117 -2.96 16.73 11.42
C ARG A 117 -3.24 15.32 11.95
N VAL A 118 -3.24 14.29 11.10
CA VAL A 118 -3.60 12.97 11.56
C VAL A 118 -2.56 12.47 12.56
N ARG A 119 -3.02 11.93 13.70
CA ARG A 119 -2.14 11.37 14.70
C ARG A 119 -2.61 10.03 15.27
N LEU A 120 -3.70 9.46 14.77
CA LEU A 120 -4.22 8.23 15.35
C LEU A 120 -5.14 7.54 14.34
N VAL A 121 -5.05 6.21 14.29
CA VAL A 121 -5.98 5.35 13.54
C VAL A 121 -6.77 4.54 14.55
N GLU A 122 -8.09 4.53 14.41
CA GLU A 122 -8.97 3.73 15.25
C GLU A 122 -9.79 2.81 14.36
N VAL A 123 -9.91 1.54 14.72
CA VAL A 123 -10.78 0.60 14.03
C VAL A 123 -11.72 -0.02 15.04
N GLY A 124 -13.02 -0.05 14.71
CA GLY A 124 -14.00 -0.58 15.63
C GLY A 124 -15.31 -0.94 14.96
N GLY A 125 -16.27 -1.32 15.78
CA GLY A 125 -17.55 -1.75 15.27
C GLY A 125 -17.58 -3.25 15.07
N ASP A 126 -18.41 -3.69 14.13
CA ASP A 126 -18.71 -5.14 13.97
C ASP A 126 -17.73 -5.76 12.98
N VAL A 127 -16.50 -5.94 13.46
CA VAL A 127 -15.44 -6.58 12.70
C VAL A 127 -14.56 -7.37 13.67
N GLN A 128 -13.98 -8.45 13.17
CA GLN A 128 -13.02 -9.26 13.92
C GLN A 128 -11.68 -9.08 13.22
N LEU A 129 -10.84 -8.25 13.82
CA LEU A 129 -9.62 -7.82 13.16
C LEU A 129 -8.57 -8.92 13.19
N ASP A 130 -7.97 -9.15 12.04
CA ASP A 130 -6.78 -9.94 11.89
C ASP A 130 -5.54 -9.11 12.15
N SER A 131 -5.35 -8.05 11.36
CA SER A 131 -4.15 -7.24 11.52
C SER A 131 -4.41 -5.82 11.08
N VAL A 132 -3.71 -4.90 11.75
CA VAL A 132 -3.62 -3.51 11.33
C VAL A 132 -2.14 -3.16 11.28
N ARG A 133 -1.66 -2.78 10.09
CA ARG A 133 -0.28 -2.41 9.88
C ARG A 133 -0.21 -1.07 9.17
N ILE A 134 0.81 -0.28 9.52
CA ILE A 134 1.02 1.02 8.89
C ILE A 134 2.40 1.00 8.27
N PHE A 135 2.47 1.22 6.98
CA PHE A 135 3.73 1.19 6.24
C PHE A 135 4.01 2.58 5.68
N PRO B 4 8.45 -11.32 -19.72
CA PRO B 4 8.64 -10.13 -18.86
C PRO B 4 7.36 -9.30 -18.70
N HIS B 5 6.81 -9.29 -17.49
CA HIS B 5 5.50 -8.71 -17.24
C HIS B 5 5.61 -7.19 -17.17
N LYS B 6 4.91 -6.51 -18.07
CA LYS B 6 5.02 -5.06 -18.26
C LYS B 6 3.71 -4.41 -17.86
N SER B 7 3.79 -3.30 -17.11
CA SER B 7 2.63 -2.46 -16.79
C SER B 7 3.00 -1.04 -17.18
N SER B 8 2.33 -0.50 -18.18
CA SER B 8 2.65 0.84 -18.63
C SER B 8 2.01 1.87 -17.71
N LEU B 9 2.75 2.91 -17.39
CA LEU B 9 2.24 4.02 -16.57
C LEU B 9 2.52 5.32 -17.30
N PRO B 10 1.78 5.60 -18.39
CA PRO B 10 2.09 6.79 -19.19
C PRO B 10 1.85 8.09 -18.46
N GLU B 11 1.02 8.08 -17.42
CA GLU B 11 0.76 9.29 -16.65
C GLU B 11 1.69 9.35 -15.45
N GLY B 12 2.64 8.45 -15.37
CA GLY B 12 3.64 8.52 -14.33
C GLY B 12 3.04 8.10 -13.00
N ILE B 13 3.84 8.27 -11.93
CA ILE B 13 3.46 7.88 -10.58
C ILE B 13 3.89 9.00 -9.63
N ALA B 14 3.36 8.99 -8.42
CA ALA B 14 3.59 10.08 -7.48
C ALA B 14 3.62 9.51 -6.07
N PRO B 15 3.96 10.33 -5.08
CA PRO B 15 3.84 9.83 -3.70
C PRO B 15 2.44 9.31 -3.44
N GLY B 16 2.37 8.14 -2.83
CA GLY B 16 1.09 7.48 -2.66
C GLY B 16 0.81 6.38 -3.65
N THR B 17 1.69 6.15 -4.61
CA THR B 17 1.57 5.02 -5.51
C THR B 17 2.04 3.76 -4.83
N VAL B 18 1.27 2.68 -4.95
CA VAL B 18 1.60 1.39 -4.36
C VAL B 18 1.62 0.35 -5.47
N LEU B 19 2.75 -0.31 -5.63
CA LEU B 19 2.88 -1.48 -6.50
C LEU B 19 2.77 -2.71 -5.63
N ALA B 20 1.77 -3.53 -5.87
CA ALA B 20 1.49 -4.70 -5.04
C ALA B 20 1.67 -5.95 -5.89
N ILE B 21 2.58 -6.83 -5.46
CA ILE B 21 2.91 -8.03 -6.24
C ILE B 21 2.78 -9.26 -5.36
N ARG B 22 2.06 -10.27 -5.85
CA ARG B 22 1.96 -11.56 -5.18
C ARG B 22 2.38 -12.66 -6.14
N GLY B 23 3.12 -13.63 -5.60
CA GLY B 23 3.55 -14.75 -6.41
C GLY B 23 4.28 -15.79 -5.59
N LEU B 24 5.12 -16.56 -6.29
CA LEU B 24 5.77 -17.71 -5.72
C LEU B 24 7.11 -17.87 -6.41
N VAL B 25 8.15 -18.12 -5.62
CA VAL B 25 9.50 -18.37 -6.13
C VAL B 25 9.57 -19.80 -6.65
N PRO B 26 9.76 -20.02 -7.94
CA PRO B 26 9.88 -21.39 -8.45
C PRO B 26 10.96 -22.17 -7.72
N PRO B 27 10.78 -23.49 -7.56
CA PRO B 27 11.73 -24.29 -6.75
C PRO B 27 13.16 -24.25 -7.25
N ASN B 28 13.41 -23.95 -8.53
CA ASN B 28 14.79 -23.91 -9.03
C ASN B 28 15.21 -22.50 -9.47
N ALA B 29 14.49 -21.47 -9.02
CA ALA B 29 14.75 -20.10 -9.46
C ALA B 29 16.09 -19.58 -8.95
N SER B 30 16.73 -18.75 -9.76
CA SER B 30 18.00 -18.13 -9.42
C SER B 30 17.80 -16.72 -8.89
N ARG B 31 17.06 -15.90 -9.64
CA ARG B 31 16.84 -14.52 -9.23
C ARG B 31 15.71 -13.97 -10.06
N PHE B 32 15.00 -12.97 -9.50
CA PHE B 32 14.02 -12.20 -10.26
C PHE B 32 14.13 -10.76 -9.82
N HIS B 33 13.42 -9.88 -10.52
CA HIS B 33 13.59 -8.46 -10.27
C HIS B 33 12.32 -7.71 -10.63
N VAL B 34 12.17 -6.52 -10.04
CA VAL B 34 11.12 -5.57 -10.37
C VAL B 34 11.82 -4.26 -10.72
N ASN B 35 11.54 -3.74 -11.92
CA ASN B 35 12.18 -2.51 -12.37
C ASN B 35 11.13 -1.43 -12.52
N LEU B 36 11.46 -0.23 -12.04
CA LEU B 36 10.68 0.98 -12.31
C LEU B 36 11.51 1.78 -13.30
N LEU B 37 11.02 1.85 -14.55
CA LEU B 37 11.77 2.37 -15.67
C LEU B 37 11.17 3.69 -16.12
N CYS B 38 12.00 4.49 -16.76
CA CYS B 38 11.68 5.86 -17.14
C CYS B 38 11.20 6.00 -18.58
N GLY B 39 10.98 4.90 -19.28
CA GLY B 39 10.43 4.97 -20.62
C GLY B 39 10.15 3.57 -21.11
N GLU B 40 9.51 3.48 -22.29
CA GLU B 40 9.21 2.19 -22.89
C GLU B 40 10.34 1.67 -23.78
N GLU B 41 11.29 2.52 -24.15
CA GLU B 41 12.38 2.10 -25.01
C GLU B 41 13.37 1.20 -24.26
N GLN B 42 14.08 0.40 -25.04
CA GLN B 42 15.04 -0.55 -24.49
C GLN B 42 16.20 0.27 -23.93
N GLY B 43 16.65 -0.11 -22.76
CA GLY B 43 17.74 0.59 -22.12
C GLY B 43 17.34 1.80 -21.31
N SER B 44 16.05 2.09 -21.19
CA SER B 44 15.59 3.21 -20.37
C SER B 44 16.17 3.16 -18.96
N ASP B 45 16.37 4.34 -18.37
CA ASP B 45 16.89 4.45 -17.00
C ASP B 45 15.98 3.74 -16.00
N ALA B 46 16.58 3.21 -14.94
CA ALA B 46 15.84 2.54 -13.88
C ALA B 46 15.91 3.41 -12.63
N ALA B 47 14.79 4.03 -12.27
CA ALA B 47 14.66 4.69 -10.97
C ALA B 47 14.83 3.71 -9.81
N LEU B 48 14.38 2.47 -9.99
CA LEU B 48 14.53 1.43 -9.00
C LEU B 48 14.64 0.09 -9.70
N HIS B 49 15.57 -0.71 -9.20
CA HIS B 49 15.77 -2.12 -9.56
C HIS B 49 15.80 -2.86 -8.24
N PHE B 50 14.81 -3.74 -8.03
CA PHE B 50 14.63 -4.55 -6.83
C PHE B 50 14.85 -6.00 -7.22
N ASN B 51 15.92 -6.62 -6.72
CA ASN B 51 16.46 -7.87 -7.29
C ASN B 51 16.69 -8.92 -6.21
N PRO B 52 15.65 -9.68 -5.83
CA PRO B 52 15.88 -10.81 -4.93
C PRO B 52 16.72 -11.87 -5.65
N ARG B 53 17.71 -12.40 -4.92
CA ARG B 53 18.66 -13.35 -5.50
C ARG B 53 18.71 -14.59 -4.62
N LEU B 54 18.09 -15.67 -5.10
CA LEU B 54 18.10 -16.92 -4.35
C LEU B 54 19.45 -17.61 -4.42
N ASP B 55 20.17 -17.47 -5.55
CA ASP B 55 21.46 -18.16 -5.67
C ASP B 55 22.48 -17.60 -4.69
N THR B 56 22.61 -16.27 -4.64
CA THR B 56 23.57 -15.60 -3.75
C THR B 56 22.97 -15.16 -2.42
N SER B 57 21.71 -15.51 -2.15
CA SER B 57 21.11 -15.25 -0.85
C SER B 57 21.18 -13.77 -0.51
N GLU B 58 20.79 -12.95 -1.49
CA GLU B 58 20.95 -11.51 -1.45
C GLU B 58 19.63 -10.86 -1.87
N VAL B 59 19.41 -9.60 -1.46
CA VAL B 59 18.41 -8.74 -2.12
C VAL B 59 19.09 -7.43 -2.46
N VAL B 60 19.19 -7.13 -3.75
CA VAL B 60 19.96 -5.99 -4.27
C VAL B 60 18.99 -4.93 -4.75
N PHE B 61 19.27 -3.68 -4.37
CA PHE B 61 18.56 -2.51 -4.87
C PHE B 61 19.56 -1.65 -5.62
N ASN B 62 19.15 -1.09 -6.72
CA ASN B 62 20.06 -0.23 -7.45
C ASN B 62 19.25 0.65 -8.37
N SER B 63 19.96 1.55 -8.99
CA SER B 63 19.45 2.45 -10.00
C SER B 63 20.31 2.24 -11.22
N LYS B 64 19.82 2.71 -12.37
CA LYS B 64 20.54 2.55 -13.63
C LYS B 64 20.35 3.81 -14.44
N GLU B 65 21.46 4.43 -14.84
CA GLU B 65 21.46 5.72 -15.51
C GLU B 65 22.35 5.61 -16.73
N GLN B 66 21.85 6.03 -17.89
CA GLN B 66 22.66 5.98 -19.11
C GLN B 66 23.40 4.65 -19.21
N GLY B 67 22.67 3.56 -18.96
CA GLY B 67 23.17 2.21 -19.14
C GLY B 67 24.13 1.69 -18.09
N SER B 68 24.54 2.49 -17.10
CA SER B 68 25.46 2.04 -16.07
C SER B 68 24.74 1.91 -14.72
N TRP B 69 25.02 0.81 -14.02
CA TRP B 69 24.41 0.53 -12.71
C TRP B 69 25.07 1.43 -11.67
N GLY B 70 24.32 1.90 -10.67
CA GLY B 70 24.81 2.73 -9.58
C GLY B 70 25.43 1.92 -8.47
N ARG B 71 25.47 2.53 -7.28
CA ARG B 71 25.94 1.87 -6.07
C ARG B 71 24.86 0.93 -5.55
N GLU B 72 25.25 -0.31 -5.34
CA GLU B 72 24.30 -1.33 -4.88
C GLU B 72 24.00 -1.12 -3.40
N GLU B 73 22.74 -1.24 -3.03
CA GLU B 73 22.31 -1.34 -1.65
C GLU B 73 21.73 -2.72 -1.45
N ARG B 74 21.80 -3.21 -0.21
CA ARG B 74 21.29 -4.52 0.14
C ARG B 74 20.43 -4.44 1.39
N GLY B 75 19.31 -5.13 1.37
CA GLY B 75 18.57 -5.35 2.58
C GLY B 75 19.21 -6.46 3.40
N PRO B 76 18.61 -6.73 4.55
CA PRO B 76 19.15 -7.80 5.42
C PRO B 76 18.71 -9.17 4.95
N GLY B 77 19.67 -10.08 4.81
CA GLY B 77 19.33 -11.45 4.47
C GLY B 77 18.46 -11.52 3.25
N VAL B 78 17.57 -12.50 3.21
CA VAL B 78 16.71 -12.74 2.06
C VAL B 78 15.35 -13.25 2.48
N PRO B 79 14.31 -12.40 2.54
CA PRO B 79 12.99 -12.87 2.95
C PRO B 79 12.23 -13.50 1.80
N PHE B 80 12.91 -14.43 1.11
CA PHE B 80 12.33 -15.19 0.01
C PHE B 80 12.90 -16.60 0.07
N GLN B 81 12.11 -17.57 -0.38
CA GLN B 81 12.51 -18.98 -0.38
C GLN B 81 12.01 -19.66 -1.65
N ARG B 82 12.90 -20.43 -2.27
CA ARG B 82 12.49 -21.26 -3.39
C ARG B 82 11.32 -22.13 -2.98
N GLY B 83 10.34 -22.22 -3.85
CA GLY B 83 9.14 -22.99 -3.59
C GLY B 83 8.13 -22.32 -2.70
N GLN B 84 8.45 -21.12 -2.13
CA GLN B 84 7.59 -20.44 -1.17
C GLN B 84 6.89 -19.24 -1.81
N PRO B 85 5.64 -18.99 -1.47
CA PRO B 85 4.94 -17.80 -1.95
C PRO B 85 5.38 -16.55 -1.18
N PHE B 86 5.14 -15.39 -1.79
CA PHE B 86 5.58 -14.12 -1.21
C PHE B 86 4.55 -13.05 -1.51
N GLU B 87 4.61 -11.97 -0.73
CA GLU B 87 3.82 -10.75 -0.97
C GLU B 87 4.76 -9.55 -0.84
N VAL B 88 4.76 -8.68 -1.84
CA VAL B 88 5.64 -7.51 -1.88
C VAL B 88 4.80 -6.26 -2.12
N LEU B 89 5.13 -5.20 -1.38
CA LEU B 89 4.66 -3.86 -1.72
C LEU B 89 5.87 -3.00 -1.97
N ILE B 90 5.85 -2.23 -3.06
CA ILE B 90 6.80 -1.14 -3.29
C ILE B 90 6.00 0.15 -3.26
N ILE B 91 6.29 1.01 -2.29
CA ILE B 91 5.47 2.17 -2.00
C ILE B 91 6.28 3.43 -2.26
N ALA B 92 5.76 4.32 -3.10
CA ALA B 92 6.42 5.60 -3.35
C ALA B 92 5.97 6.68 -2.37
N SER B 93 6.95 7.38 -1.85
CA SER B 93 6.73 8.59 -1.07
C SER B 93 7.55 9.72 -1.69
N ASP B 94 7.55 10.85 -1.00
CA ASP B 94 8.40 11.97 -1.39
C ASP B 94 9.88 11.64 -1.21
N ASP B 95 10.21 10.76 -0.26
CA ASP B 95 11.59 10.50 0.11
C ASP B 95 12.21 9.31 -0.62
N GLY B 96 11.40 8.34 -1.04
CA GLY B 96 11.97 7.15 -1.64
C GLY B 96 10.90 6.09 -1.86
N PHE B 97 11.40 4.86 -2.06
CA PHE B 97 10.59 3.66 -2.23
C PHE B 97 10.75 2.79 -1.00
N LYS B 98 9.64 2.41 -0.39
CA LYS B 98 9.59 1.50 0.73
C LYS B 98 9.25 0.11 0.20
N ALA B 99 10.14 -0.84 0.43
CA ALA B 99 9.91 -2.22 0.02
C ALA B 99 9.43 -2.97 1.25
N VAL B 100 8.20 -3.48 1.16
CA VAL B 100 7.54 -4.26 2.19
C VAL B 100 7.44 -5.69 1.69
N VAL B 101 7.95 -6.63 2.49
CA VAL B 101 7.89 -8.05 2.17
C VAL B 101 7.27 -8.75 3.36
N GLY B 102 6.37 -9.68 3.08
CA GLY B 102 5.77 -10.48 4.14
C GLY B 102 5.14 -9.67 5.24
N ASP B 103 4.53 -8.54 4.91
CA ASP B 103 3.86 -7.68 5.89
C ASP B 103 4.83 -7.03 6.89
N ALA B 104 6.10 -6.86 6.50
CA ALA B 104 7.06 -6.13 7.31
C ALA B 104 7.88 -5.20 6.41
N GLN B 105 8.05 -3.97 6.83
CA GLN B 105 8.95 -3.05 6.13
C GLN B 105 10.33 -3.68 5.98
N TYR B 106 10.83 -3.78 4.75
CA TYR B 106 12.07 -4.52 4.50
C TYR B 106 13.25 -3.60 4.20
N HIS B 107 13.06 -2.57 3.38
CA HIS B 107 14.18 -1.68 3.05
C HIS B 107 13.61 -0.36 2.52
N HIS B 108 14.35 0.72 2.75
CA HIS B 108 13.96 2.03 2.22
C HIS B 108 15.05 2.50 1.27
N PHE B 109 14.68 2.66 -0.01
CA PHE B 109 15.58 3.09 -1.08
C PHE B 109 15.27 4.56 -1.41
N ARG B 110 16.17 5.46 -1.02
CA ARG B 110 15.94 6.85 -1.26
C ARG B 110 16.03 7.17 -2.74
N HIS B 111 15.24 8.14 -3.15
CA HIS B 111 15.21 8.50 -4.56
C HIS B 111 16.59 8.92 -5.03
N ARG B 112 16.97 8.41 -6.20
CA ARG B 112 18.20 8.79 -6.90
C ARG B 112 17.93 9.54 -8.18
N LEU B 113 16.95 9.08 -8.95
CA LEU B 113 16.40 9.78 -10.10
C LEU B 113 15.05 10.33 -9.72
N PRO B 114 14.55 11.33 -10.43
CA PRO B 114 13.22 11.87 -10.12
C PRO B 114 12.13 10.84 -10.29
N LEU B 115 11.31 10.70 -9.26
CA LEU B 115 10.13 9.84 -9.33
C LEU B 115 9.24 10.23 -10.51
N ALA B 116 9.20 11.50 -10.84
CA ALA B 116 8.37 12.01 -11.92
C ALA B 116 8.79 11.44 -13.27
N ARG B 117 9.94 10.78 -13.35
CA ARG B 117 10.40 10.17 -14.60
C ARG B 117 9.87 8.76 -14.85
N VAL B 118 9.30 8.10 -13.84
CA VAL B 118 8.95 6.69 -14.02
C VAL B 118 7.77 6.59 -14.98
N ARG B 119 7.85 5.62 -15.89
CA ARG B 119 6.80 5.44 -16.88
C ARG B 119 6.44 3.98 -17.09
N LEU B 120 7.14 3.03 -16.47
CA LEU B 120 6.85 1.64 -16.77
C LEU B 120 7.31 0.79 -15.60
N VAL B 121 6.50 -0.20 -15.23
CA VAL B 121 6.88 -1.26 -14.31
C VAL B 121 7.12 -2.55 -15.09
N GLU B 122 8.20 -3.24 -14.76
CA GLU B 122 8.64 -4.44 -15.46
C GLU B 122 9.03 -5.46 -14.40
N VAL B 123 8.42 -6.64 -14.43
CA VAL B 123 8.83 -7.73 -13.55
C VAL B 123 9.44 -8.83 -14.41
N GLY B 124 10.72 -9.12 -14.16
CA GLY B 124 11.47 -10.06 -14.96
C GLY B 124 12.17 -11.09 -14.10
N GLY B 125 12.86 -12.00 -14.78
CA GLY B 125 13.57 -13.08 -14.12
C GLY B 125 12.70 -14.30 -13.92
N ASP B 126 13.09 -15.08 -12.92
CA ASP B 126 12.52 -16.40 -12.65
CA ASP B 126 12.59 -16.48 -12.64
C ASP B 126 11.57 -16.26 -11.47
N VAL B 127 10.28 -16.01 -11.76
CA VAL B 127 9.28 -15.88 -10.71
C VAL B 127 7.91 -16.20 -11.29
N GLN B 128 7.00 -16.67 -10.42
CA GLN B 128 5.62 -16.92 -10.80
C GLN B 128 4.73 -15.83 -10.23
N LEU B 129 4.03 -15.10 -11.11
CA LEU B 129 3.23 -13.97 -10.67
C LEU B 129 1.76 -14.38 -10.59
N ASP B 130 1.20 -14.28 -9.39
CA ASP B 130 -0.22 -14.51 -9.19
C ASP B 130 -1.02 -13.21 -9.30
N SER B 131 -0.41 -12.04 -9.05
CA SER B 131 -1.13 -10.77 -9.04
C SER B 131 -0.15 -9.62 -9.06
N VAL B 132 -0.42 -8.65 -9.94
CA VAL B 132 0.35 -7.42 -10.07
C VAL B 132 -0.66 -6.28 -10.16
N ARG B 133 -0.56 -5.31 -9.25
CA ARG B 133 -1.50 -4.20 -9.22
C ARG B 133 -0.76 -2.91 -8.91
N ILE B 134 -1.17 -1.82 -9.54
CA ILE B 134 -0.64 -0.49 -9.19
C ILE B 134 -1.81 0.35 -8.70
N PHE B 135 -1.74 0.78 -7.44
CA PHE B 135 -2.77 1.62 -6.84
C PHE B 135 -2.26 3.05 -6.69
#